data_4QM8
#
_entry.id   4QM8
#
_cell.length_a   65.830
_cell.length_b   65.830
_cell.length_c   197.190
_cell.angle_alpha   90.00
_cell.angle_beta   90.00
_cell.angle_gamma   90.00
#
_symmetry.space_group_name_H-M   'P 43 2 2'
#
loop_
_entity.id
_entity.type
_entity.pdbx_description
1 polymer 'Cysteine dioxygenase'
2 non-polymer 'FE (III) ION'
3 non-polymer CYSTEINE
4 water water
#
_entity_poly.entity_id   1
_entity_poly.type   'polypeptide(L)'
_entity_poly.pdbx_seq_one_letter_code
;(MSE)GHHHHHHSHSH(MSE)ELYECIQDIFGGLKNPSVKDLATSLKQIPNAAKLSQPYIKEPDQYAYGRNAIYRNNELE
IIVINIPPNKETTVHDHGQSIGCA(MSE)VLEGKLLNSIYRSTGEHAELSNSYFVHEGECLISTKGLIHK(MSE)SNPTS
ER(MSE)VSLHVYSPPLED(MSE)TVFEEQKEVLENS
;
_entity_poly.pdbx_strand_id   A,B
#
loop_
_chem_comp.id
_chem_comp.type
_chem_comp.name
_chem_comp.formula
FE non-polymer 'FE (III) ION' 'Fe 3'
#
# COMPACT_ATOMS: atom_id res chain seq x y z
N MSE A 13 13.79 -22.06 -21.60
CA MSE A 13 13.62 -21.63 -20.22
C MSE A 13 12.15 -21.24 -19.89
O MSE A 13 11.72 -20.11 -20.18
CB MSE A 13 14.57 -20.46 -19.91
CG MSE A 13 14.56 -19.95 -18.45
SE MSE A 13 15.62 -21.05 -17.22
CE MSE A 13 16.55 -19.63 -16.22
N GLU A 14 11.41 -22.16 -19.28
CA GLU A 14 9.97 -21.97 -19.02
C GLU A 14 9.68 -21.93 -17.51
N LEU A 15 8.42 -21.75 -17.11
CA LEU A 15 8.06 -21.41 -15.71
C LEU A 15 8.55 -22.36 -14.59
N TYR A 16 8.41 -23.66 -14.76
CA TYR A 16 8.87 -24.57 -13.72
C TYR A 16 10.38 -24.64 -13.66
N GLU A 17 11.03 -24.67 -14.82
CA GLU A 17 12.49 -24.57 -14.85
C GLU A 17 12.90 -23.33 -14.06
N CYS A 18 12.14 -22.24 -14.23
CA CYS A 18 12.40 -21.00 -13.52
C CYS A 18 12.14 -21.12 -12.02
N ILE A 19 11.06 -21.79 -11.62
CA ILE A 19 10.75 -21.94 -10.20
C ILE A 19 11.76 -22.81 -9.45
N GLN A 20 12.12 -23.98 -9.99
CA GLN A 20 13.14 -24.82 -9.34
C GLN A 20 14.44 -24.02 -9.19
N ASP A 21 14.74 -23.19 -10.19
CA ASP A 21 15.97 -22.41 -10.22
C ASP A 21 16.05 -21.31 -9.15
N ILE A 22 14.90 -20.71 -8.84
CA ILE A 22 14.85 -19.53 -7.97
C ILE A 22 14.33 -19.86 -6.56
N PHE A 23 13.24 -20.62 -6.50
CA PHE A 23 12.54 -20.92 -5.25
C PHE A 23 12.98 -22.25 -4.62
N GLY A 24 13.36 -23.21 -5.46
CA GLY A 24 13.56 -24.59 -5.03
C GLY A 24 14.57 -24.85 -3.92
N GLY A 25 15.38 -23.84 -3.59
CA GLY A 25 16.43 -24.03 -2.61
C GLY A 25 16.40 -23.07 -1.43
N LEU A 26 15.40 -22.21 -1.41
CA LEU A 26 15.22 -21.31 -0.29
C LEU A 26 15.00 -22.11 0.99
N LYS A 27 15.68 -21.73 2.08
CA LYS A 27 15.32 -22.28 3.38
C LYS A 27 15.03 -21.14 4.33
N ASN A 28 13.84 -21.18 4.92
CA ASN A 28 13.34 -20.14 5.81
C ASN A 28 13.49 -18.74 5.25
N PRO A 29 12.92 -18.50 4.06
CA PRO A 29 13.05 -17.17 3.48
C PRO A 29 12.21 -16.15 4.22
N SER A 30 12.55 -14.87 4.07
CA SER A 30 11.70 -13.80 4.60
C SER A 30 10.75 -13.32 3.51
N VAL A 31 9.80 -12.49 3.90
CA VAL A 31 8.97 -11.81 2.92
C VAL A 31 9.84 -10.97 2.01
N LYS A 32 10.97 -10.50 2.55
CA LYS A 32 12.01 -9.83 1.78
C LYS A 32 12.52 -10.74 0.65
N ASP A 33 12.98 -11.92 1.03
CA ASP A 33 13.52 -12.89 0.10
C ASP A 33 12.53 -13.25 -1.01
N LEU A 34 11.32 -13.60 -0.59
CA LEU A 34 10.26 -13.99 -1.53
C LEU A 34 9.94 -12.89 -2.55
N ALA A 35 9.84 -11.65 -2.09
CA ALA A 35 9.60 -10.56 -3.01
C ALA A 35 10.71 -10.53 -4.04
N THR A 36 11.94 -10.58 -3.59
CA THR A 36 13.06 -10.56 -4.50
C THR A 36 13.00 -11.73 -5.48
N SER A 37 12.62 -12.92 -4.99
CA SER A 37 12.54 -14.10 -5.85
C SER A 37 11.58 -13.89 -7.00
N LEU A 38 10.37 -13.46 -6.66
CA LEU A 38 9.36 -13.14 -7.65
C LEU A 38 9.90 -12.20 -8.76
N LYS A 39 10.46 -11.07 -8.36
CA LYS A 39 11.00 -10.13 -9.32
C LYS A 39 12.10 -10.75 -10.20
N GLN A 40 12.57 -11.94 -9.83
CA GLN A 40 13.62 -12.61 -10.59
C GLN A 40 13.08 -13.48 -11.70
N ILE A 41 11.79 -13.75 -11.68
CA ILE A 41 11.19 -14.42 -12.82
C ILE A 41 11.17 -13.49 -14.02
N PRO A 42 11.77 -13.93 -15.13
CA PRO A 42 11.73 -13.14 -16.36
C PRO A 42 10.39 -13.33 -17.05
N ASN A 43 9.77 -12.28 -17.56
CA ASN A 43 8.55 -12.43 -18.33
C ASN A 43 7.46 -13.20 -17.60
N ALA A 44 7.42 -13.01 -16.28
CA ALA A 44 6.54 -13.78 -15.39
C ALA A 44 5.11 -13.85 -15.89
N ALA A 45 4.58 -12.72 -16.35
CA ALA A 45 3.24 -12.68 -16.90
C ALA A 45 3.04 -13.75 -18.00
N LYS A 46 3.89 -13.70 -19.02
CA LYS A 46 3.82 -14.63 -20.14
C LYS A 46 4.01 -16.07 -19.70
N LEU A 47 4.96 -16.29 -18.82
CA LEU A 47 5.26 -17.62 -18.33
C LEU A 47 4.09 -18.32 -17.65
N SER A 48 3.31 -17.58 -16.86
CA SER A 48 2.25 -18.19 -16.06
C SER A 48 0.90 -18.26 -16.76
N GLN A 49 0.85 -17.76 -17.98
CA GLN A 49 -0.39 -17.75 -18.75
C GLN A 49 -1.07 -19.12 -18.79
N PRO A 50 -0.31 -20.20 -19.05
CA PRO A 50 -1.00 -21.49 -19.05
C PRO A 50 -1.55 -21.96 -17.70
N TYR A 51 -1.30 -21.23 -16.63
CA TYR A 51 -1.70 -21.75 -15.33
C TYR A 51 -2.78 -20.90 -14.70
N ILE A 52 -3.20 -19.87 -15.43
CA ILE A 52 -4.33 -19.06 -15.00
C ILE A 52 -5.59 -19.89 -15.11
N LYS A 53 -6.25 -20.10 -13.97
CA LYS A 53 -7.52 -20.82 -13.92
C LYS A 53 -8.68 -19.87 -13.68
N GLU A 54 -9.88 -20.36 -13.89
CA GLU A 54 -11.06 -19.55 -13.74
C GLU A 54 -11.74 -19.90 -12.45
N PRO A 55 -12.50 -18.96 -11.88
CA PRO A 55 -13.26 -19.22 -10.64
C PRO A 55 -14.04 -20.54 -10.65
N ASP A 56 -13.68 -21.39 -9.69
CA ASP A 56 -14.32 -22.68 -9.44
C ASP A 56 -14.99 -22.62 -8.06
N GLN A 57 -14.22 -22.85 -6.99
CA GLN A 57 -14.77 -22.84 -5.64
C GLN A 57 -15.00 -21.43 -5.16
N TYR A 58 -14.12 -20.53 -5.59
CA TYR A 58 -14.11 -19.18 -5.07
C TYR A 58 -14.65 -18.18 -6.07
N ALA A 59 -14.85 -16.95 -5.61
CA ALA A 59 -15.28 -15.88 -6.49
C ALA A 59 -14.16 -15.58 -7.47
N TYR A 60 -13.00 -16.09 -7.13
CA TYR A 60 -11.79 -15.86 -7.88
C TYR A 60 -11.14 -17.20 -8.23
N GLY A 61 -10.44 -17.20 -9.36
CA GLY A 61 -9.75 -18.38 -9.82
C GLY A 61 -8.44 -18.55 -9.08
N ARG A 62 -8.11 -19.81 -8.77
CA ARG A 62 -6.98 -20.10 -7.90
C ARG A 62 -6.30 -21.41 -8.30
N ASN A 63 -5.03 -21.35 -8.63
CA ASN A 63 -4.32 -22.54 -9.06
C ASN A 63 -2.98 -22.70 -8.37
N ALA A 64 -2.83 -23.79 -7.64
CA ALA A 64 -1.60 -24.15 -6.97
C ALA A 64 -0.65 -24.86 -7.92
N ILE A 65 0.53 -24.30 -8.14
CA ILE A 65 1.42 -24.85 -9.16
C ILE A 65 2.76 -25.38 -8.64
N TYR A 66 3.16 -25.03 -7.43
CA TYR A 66 4.39 -25.57 -6.85
C TYR A 66 4.26 -25.69 -5.33
N ARG A 67 4.87 -26.73 -4.79
CA ARG A 67 4.95 -26.86 -3.34
C ARG A 67 6.12 -27.74 -2.95
N ASN A 68 6.88 -27.34 -1.94
CA ASN A 68 7.83 -28.23 -1.28
C ASN A 68 7.59 -28.17 0.22
N ASN A 69 8.61 -28.42 1.05
CA ASN A 69 8.39 -28.30 2.49
C ASN A 69 8.49 -26.85 2.95
N GLU A 70 9.15 -26.02 2.16
CA GLU A 70 9.37 -24.60 2.48
C GLU A 70 8.27 -23.67 1.97
N LEU A 71 7.85 -23.81 0.71
CA LEU A 71 6.90 -22.87 0.20
C LEU A 71 5.87 -23.44 -0.74
N GLU A 72 5.10 -22.55 -1.34
CA GLU A 72 3.92 -22.88 -2.10
C GLU A 72 3.68 -21.74 -3.06
N ILE A 73 3.56 -22.05 -4.35
CA ILE A 73 3.29 -21.02 -5.35
C ILE A 73 1.88 -21.15 -5.92
N ILE A 74 1.16 -20.03 -5.96
CA ILE A 74 -0.23 -20.03 -6.39
C ILE A 74 -0.50 -18.95 -7.42
N VAL A 75 -1.27 -19.29 -8.45
CA VAL A 75 -1.71 -18.31 -9.44
C VAL A 75 -3.12 -17.90 -9.16
N ILE A 76 -3.35 -16.60 -9.08
CA ILE A 76 -4.65 -16.11 -8.71
C ILE A 76 -5.15 -15.14 -9.77
N ASN A 77 -6.46 -15.14 -9.93
CA ASN A 77 -7.13 -14.42 -10.98
C ASN A 77 -8.44 -13.85 -10.44
N ILE A 78 -8.49 -12.54 -10.19
CA ILE A 78 -9.69 -11.96 -9.61
C ILE A 78 -10.45 -11.16 -10.66
N PRO A 79 -11.65 -11.63 -11.03
CA PRO A 79 -12.52 -10.94 -11.97
C PRO A 79 -12.86 -9.53 -11.51
N PRO A 80 -13.26 -8.67 -12.45
CA PRO A 80 -13.78 -7.35 -12.12
C PRO A 80 -14.76 -7.37 -10.94
N ASN A 81 -14.49 -6.52 -9.96
CA ASN A 81 -15.36 -6.30 -8.79
C ASN A 81 -15.57 -7.53 -7.90
N LYS A 82 -14.56 -8.38 -7.89
CA LYS A 82 -14.55 -9.55 -7.04
C LYS A 82 -13.45 -9.40 -5.97
N GLU A 83 -13.56 -10.17 -4.90
CA GLU A 83 -12.66 -10.00 -3.79
C GLU A 83 -12.45 -11.31 -3.04
N THR A 84 -11.33 -11.40 -2.34
CA THR A 84 -11.06 -12.56 -1.49
C THR A 84 -11.83 -12.39 -0.21
N THR A 85 -11.76 -13.38 0.67
CA THR A 85 -12.27 -13.16 2.00
C THR A 85 -11.29 -12.30 2.76
N VAL A 86 -11.68 -11.93 3.97
CA VAL A 86 -10.76 -11.29 4.87
C VAL A 86 -10.07 -12.37 5.66
N HIS A 87 -8.78 -12.55 5.42
CA HIS A 87 -8.10 -13.73 5.93
C HIS A 87 -6.72 -13.40 6.48
N ASP A 88 -6.21 -14.24 7.38
CA ASP A 88 -4.81 -14.23 7.76
C ASP A 88 -4.22 -15.48 7.12
N HIS A 89 -2.93 -15.74 7.28
CA HIS A 89 -2.40 -16.93 6.63
C HIS A 89 -1.84 -17.91 7.63
N GLY A 90 -2.53 -18.00 8.77
CA GLY A 90 -2.12 -18.89 9.84
C GLY A 90 -0.69 -18.62 10.20
N GLN A 91 0.08 -19.68 10.36
CA GLN A 91 1.47 -19.53 10.77
C GLN A 91 2.39 -19.11 9.62
N SER A 92 1.84 -19.02 8.41
CA SER A 92 2.63 -18.69 7.21
C SER A 92 2.79 -17.19 6.96
N ILE A 93 3.85 -16.83 6.23
CA ILE A 93 3.99 -15.51 5.64
C ILE A 93 3.61 -15.62 4.17
N GLY A 94 3.46 -14.48 3.49
CA GLY A 94 3.14 -14.49 2.08
C GLY A 94 3.67 -13.31 1.30
N CYS A 95 3.94 -13.50 0.02
CA CYS A 95 4.26 -12.40 -0.87
C CYS A 95 3.58 -12.63 -2.21
N ALA A 96 3.08 -11.56 -2.83
CA ALA A 96 2.47 -11.71 -4.14
C ALA A 96 2.93 -10.64 -5.13
N MSE A 97 3.05 -11.04 -6.39
CA MSE A 97 3.37 -10.11 -7.46
C MSE A 97 2.17 -10.00 -8.37
O MSE A 97 1.51 -10.99 -8.68
CB MSE A 97 4.60 -10.57 -8.24
CG MSE A 97 5.06 -9.56 -9.27
SE MSE A 97 6.83 -9.87 -10.00
CE MSE A 97 6.54 -11.65 -10.75
N VAL A 98 1.86 -8.77 -8.79
CA VAL A 98 0.80 -8.56 -9.75
C VAL A 98 1.32 -8.77 -11.15
N LEU A 99 0.81 -9.81 -11.83
CA LEU A 99 1.23 -10.14 -13.21
C LEU A 99 0.50 -9.29 -14.22
N GLU A 100 -0.75 -9.00 -13.90
CA GLU A 100 -1.63 -8.35 -14.85
C GLU A 100 -2.73 -7.63 -14.11
N GLY A 101 -2.99 -6.39 -14.48
CA GLY A 101 -3.97 -5.57 -13.79
C GLY A 101 -3.48 -4.92 -12.50
N LYS A 102 -4.40 -4.72 -11.58
CA LYS A 102 -4.14 -3.88 -10.43
C LYS A 102 -5.06 -4.25 -9.28
N LEU A 103 -4.49 -4.66 -8.15
CA LEU A 103 -5.35 -5.01 -7.02
C LEU A 103 -5.37 -3.92 -5.96
N LEU A 104 -6.45 -3.92 -5.18
CA LEU A 104 -6.48 -3.13 -3.97
C LEU A 104 -6.27 -4.07 -2.80
N ASN A 105 -5.29 -3.76 -1.98
CA ASN A 105 -5.03 -4.57 -0.80
C ASN A 105 -5.44 -3.82 0.47
N SER A 106 -6.31 -4.45 1.24
CA SER A 106 -6.82 -3.84 2.44
C SER A 106 -6.33 -4.59 3.68
N ILE A 107 -5.84 -3.85 4.67
CA ILE A 107 -5.34 -4.47 5.89
C ILE A 107 -6.34 -4.31 7.06
N TYR A 108 -6.43 -5.34 7.87
CA TYR A 108 -7.35 -5.34 8.98
C TYR A 108 -6.57 -5.64 10.27
N ARG A 109 -7.19 -5.34 11.42
CA ARG A 109 -6.66 -5.73 12.72
C ARG A 109 -7.74 -6.52 13.45
N SER A 110 -7.35 -7.42 14.36
CA SER A 110 -8.35 -8.16 15.13
C SER A 110 -9.14 -7.21 16.02
N THR A 111 -10.44 -7.12 15.76
CA THR A 111 -11.37 -6.42 16.64
C THR A 111 -11.93 -7.44 17.62
N GLY A 112 -11.04 -8.32 18.09
CA GLY A 112 -11.43 -9.50 18.85
C GLY A 112 -11.81 -10.67 17.94
N GLU A 113 -13.05 -11.12 18.06
CA GLU A 113 -13.59 -12.21 17.25
C GLU A 113 -13.77 -11.76 15.79
N HIS A 114 -13.87 -10.46 15.58
CA HIS A 114 -14.04 -9.91 14.23
C HIS A 114 -12.78 -9.18 13.77
N ALA A 115 -12.95 -8.36 12.73
CA ALA A 115 -11.86 -7.52 12.21
C ALA A 115 -12.38 -6.23 11.58
N GLU A 116 -11.68 -5.13 11.82
CA GLU A 116 -12.02 -3.81 11.24
C GLU A 116 -10.93 -3.36 10.26
N LEU A 117 -11.32 -2.59 9.25
CA LEU A 117 -10.37 -2.15 8.22
C LEU A 117 -9.36 -1.15 8.75
N SER A 118 -8.08 -1.40 8.48
CA SER A 118 -7.01 -0.65 9.09
C SER A 118 -6.23 0.21 8.09
N ASN A 119 -6.18 -0.25 6.85
CA ASN A 119 -5.33 0.38 5.85
C ASN A 119 -5.65 -0.23 4.50
N SER A 120 -5.48 0.55 3.44
CA SER A 120 -5.76 0.07 2.09
C SER A 120 -4.87 0.76 1.05
N TYR A 121 -4.32 0.00 0.11
CA TYR A 121 -3.53 0.59 -0.96
C TYR A 121 -3.58 -0.25 -2.23
N PHE A 122 -3.08 0.30 -3.33
CA PHE A 122 -3.05 -0.42 -4.60
C PHE A 122 -1.70 -1.08 -4.83
N VAL A 123 -1.72 -2.24 -5.49
CA VAL A 123 -0.52 -2.85 -6.03
C VAL A 123 -0.67 -2.94 -7.55
N HIS A 124 0.32 -2.45 -8.28
CA HIS A 124 0.21 -2.41 -9.73
C HIS A 124 1.04 -3.52 -10.36
N GLU A 125 1.00 -3.62 -11.69
CA GLU A 125 1.70 -4.70 -12.37
C GLU A 125 3.18 -4.65 -12.04
N GLY A 126 3.74 -5.80 -11.71
CA GLY A 126 5.16 -5.91 -11.43
C GLY A 126 5.51 -5.52 -10.00
N GLU A 127 4.55 -4.95 -9.29
CA GLU A 127 4.74 -4.59 -7.89
C GLU A 127 4.36 -5.74 -6.99
N CYS A 128 4.88 -5.68 -5.76
CA CYS A 128 4.65 -6.77 -4.81
C CYS A 128 3.84 -6.33 -3.61
N LEU A 129 3.11 -7.27 -3.05
CA LEU A 129 2.55 -7.05 -1.74
C LEU A 129 3.11 -8.08 -0.78
N ILE A 130 3.13 -7.72 0.50
CA ILE A 130 3.72 -8.58 1.51
C ILE A 130 2.69 -8.87 2.59
N SER A 131 2.83 -10.04 3.20
CA SER A 131 2.00 -10.42 4.33
C SER A 131 2.89 -10.99 5.42
N THR A 132 3.24 -10.16 6.40
CA THR A 132 4.02 -10.63 7.54
C THR A 132 3.20 -11.63 8.34
N LYS A 133 3.82 -12.36 9.25
CA LYS A 133 3.09 -13.41 9.93
C LYS A 133 1.96 -12.72 10.70
N GLY A 134 0.80 -13.34 10.76
CA GLY A 134 -0.29 -12.80 11.57
C GLY A 134 -1.12 -11.71 10.91
N LEU A 135 -0.57 -11.09 9.87
CA LEU A 135 -1.27 -10.10 9.05
C LEU A 135 -2.61 -10.57 8.46
N ILE A 136 -3.58 -9.68 8.45
CA ILE A 136 -4.92 -9.96 7.96
C ILE A 136 -5.27 -9.02 6.83
N HIS A 137 -5.60 -9.57 5.66
CA HIS A 137 -5.92 -8.73 4.50
C HIS A 137 -7.08 -9.26 3.65
N LYS A 138 -7.51 -8.41 2.73
CA LYS A 138 -8.46 -8.77 1.69
C LYS A 138 -7.92 -8.20 0.40
N MSE A 139 -7.92 -9.00 -0.66
CA MSE A 139 -7.58 -8.48 -1.97
C MSE A 139 -8.82 -8.34 -2.81
O MSE A 139 -9.70 -9.22 -2.80
CB MSE A 139 -6.57 -9.36 -2.66
CG MSE A 139 -5.25 -9.38 -1.94
SE MSE A 139 -4.05 -10.67 -2.75
CE MSE A 139 -5.29 -12.17 -2.78
N SER A 140 -8.91 -7.23 -3.53
CA SER A 140 -10.07 -6.93 -4.35
C SER A 140 -9.62 -6.36 -5.69
N ASN A 141 -10.57 -6.30 -6.62
CA ASN A 141 -10.37 -5.71 -7.92
C ASN A 141 -11.44 -4.66 -8.14
N PRO A 142 -11.09 -3.39 -7.97
CA PRO A 142 -12.01 -2.26 -8.18
C PRO A 142 -12.05 -1.81 -9.64
N THR A 143 -11.26 -2.47 -10.47
CA THR A 143 -11.18 -2.11 -11.87
C THR A 143 -12.15 -2.92 -12.72
N SER A 144 -12.14 -2.66 -14.02
CA SER A 144 -13.08 -3.26 -14.94
C SER A 144 -12.44 -4.42 -15.73
N GLU A 145 -11.13 -4.58 -15.57
CA GLU A 145 -10.44 -5.69 -16.22
C GLU A 145 -10.03 -6.65 -15.12
N ARG A 146 -9.54 -7.84 -15.48
CA ARG A 146 -9.23 -8.84 -14.47
C ARG A 146 -7.90 -8.54 -13.81
N MSE A 147 -7.58 -9.28 -12.76
CA MSE A 147 -6.30 -9.13 -12.07
C MSE A 147 -5.65 -10.48 -11.83
O MSE A 147 -6.22 -11.35 -11.16
CB MSE A 147 -6.49 -8.39 -10.73
CG MSE A 147 -5.20 -7.81 -10.15
SE MSE A 147 -4.01 -9.14 -9.31
CE MSE A 147 -5.31 -10.00 -8.14
N VAL A 148 -4.46 -10.68 -12.38
CA VAL A 148 -3.76 -11.93 -12.18
C VAL A 148 -2.49 -11.72 -11.39
N SER A 149 -2.35 -12.47 -10.32
CA SER A 149 -1.23 -12.33 -9.42
C SER A 149 -0.61 -13.67 -9.09
N LEU A 150 0.66 -13.62 -8.74
CA LEU A 150 1.40 -14.82 -8.39
C LEU A 150 1.81 -14.77 -6.90
N HIS A 151 1.25 -15.67 -6.10
CA HIS A 151 1.51 -15.75 -4.67
C HIS A 151 2.48 -16.84 -4.26
N VAL A 152 3.42 -16.48 -3.39
CA VAL A 152 4.20 -17.44 -2.62
C VAL A 152 3.76 -17.41 -1.17
N TYR A 153 3.57 -18.58 -0.57
CA TYR A 153 3.36 -18.67 0.86
C TYR A 153 4.42 -19.57 1.47
N SER A 154 4.98 -19.12 2.59
CA SER A 154 5.93 -19.96 3.33
C SER A 154 5.63 -19.89 4.81
N PRO A 155 5.43 -21.05 5.44
CA PRO A 155 5.34 -22.39 4.84
C PRO A 155 4.02 -22.54 4.07
N PRO A 156 3.80 -23.70 3.47
CA PRO A 156 2.49 -23.79 2.80
C PRO A 156 1.34 -23.65 3.77
N LEU A 157 0.27 -23.00 3.34
CA LEU A 157 -0.87 -22.73 4.19
C LEU A 157 -1.54 -23.98 4.68
N GLU A 158 -1.77 -24.05 5.98
CA GLU A 158 -2.51 -25.17 6.52
C GLU A 158 -3.71 -24.62 7.25
N ASP A 159 -3.46 -23.65 8.14
CA ASP A 159 -4.51 -23.15 9.02
C ASP A 159 -4.91 -21.70 8.69
N MSE A 160 -5.52 -21.47 7.52
CA MSE A 160 -6.06 -20.15 7.18
C MSE A 160 -7.25 -19.78 8.09
O MSE A 160 -8.00 -20.66 8.50
CB MSE A 160 -6.53 -20.08 5.72
CG MSE A 160 -5.51 -19.55 4.70
SE MSE A 160 -6.34 -18.58 3.19
CE MSE A 160 -8.03 -19.56 3.06
N THR A 161 -7.41 -18.49 8.38
CA THR A 161 -8.52 -18.04 9.22
C THR A 161 -9.30 -16.87 8.60
N VAL A 162 -10.60 -17.07 8.38
CA VAL A 162 -11.45 -16.05 7.76
C VAL A 162 -12.22 -15.24 8.81
N PHE A 163 -12.23 -13.91 8.64
CA PHE A 163 -12.90 -13.01 9.57
C PHE A 163 -14.12 -12.36 8.94
N GLU A 164 -15.11 -12.03 9.77
CA GLU A 164 -16.28 -11.28 9.32
C GLU A 164 -16.11 -9.80 9.68
N GLU A 165 -16.40 -8.92 8.73
CA GLU A 165 -16.11 -7.48 8.90
C GLU A 165 -16.93 -6.81 10.02
N GLN A 166 -16.28 -5.95 10.79
CA GLN A 166 -16.91 -5.30 11.95
C GLN A 166 -16.97 -3.79 11.79
N MSE B 13 -12.90 29.02 -10.19
CA MSE B 13 -12.69 28.69 -8.78
C MSE B 13 -11.19 28.58 -8.44
O MSE B 13 -10.36 28.33 -9.31
CB MSE B 13 -13.41 27.37 -8.43
CG MSE B 13 -13.32 26.96 -6.96
SE MSE B 13 -14.79 25.84 -6.31
CE MSE B 13 -14.80 24.46 -7.69
N GLU B 14 -10.86 28.79 -7.15
CA GLU B 14 -9.48 28.77 -6.67
C GLU B 14 -9.27 27.77 -5.53
N LEU B 15 -8.02 27.43 -5.26
CA LEU B 15 -7.69 26.32 -4.38
C LEU B 15 -8.11 26.49 -2.90
N TYR B 16 -7.89 27.68 -2.35
CA TYR B 16 -8.31 28.00 -0.99
C TYR B 16 -9.76 27.68 -0.79
N GLU B 17 -10.59 28.38 -1.58
CA GLU B 17 -12.03 28.23 -1.58
C GLU B 17 -12.46 26.77 -1.65
N CYS B 18 -11.89 26.03 -2.59
CA CYS B 18 -12.23 24.62 -2.82
C CYS B 18 -11.99 23.82 -1.56
N ILE B 19 -10.77 23.97 -1.09
CA ILE B 19 -10.32 23.33 0.10
C ILE B 19 -11.24 23.69 1.27
N GLN B 20 -11.53 24.97 1.40
CA GLN B 20 -12.49 25.43 2.40
C GLN B 20 -13.83 24.69 2.30
N ASP B 21 -14.44 24.73 1.13
CA ASP B 21 -15.76 24.14 0.97
C ASP B 21 -15.76 22.66 1.28
N ILE B 22 -14.76 21.94 0.77
CA ILE B 22 -14.69 20.50 1.00
C ILE B 22 -14.34 20.15 2.44
N PHE B 23 -13.29 20.74 2.98
CA PHE B 23 -12.79 20.36 4.30
C PHE B 23 -13.33 21.20 5.48
N GLY B 24 -13.77 22.42 5.21
CA GLY B 24 -14.20 23.32 6.27
C GLY B 24 -15.25 22.74 7.20
N GLY B 25 -16.07 21.84 6.66
CA GLY B 25 -17.18 21.27 7.40
C GLY B 25 -16.76 20.16 8.34
N LEU B 26 -15.64 19.54 8.03
CA LEU B 26 -15.16 18.38 8.77
C LEU B 26 -14.88 18.70 10.23
N LYS B 27 -15.33 17.81 11.10
CA LYS B 27 -15.11 17.96 12.54
C LYS B 27 -14.78 16.58 13.10
N ASN B 28 -13.59 16.49 13.70
CA ASN B 28 -13.02 15.20 14.11
C ASN B 28 -13.22 14.14 13.04
N PRO B 29 -12.63 14.35 11.86
CA PRO B 29 -12.84 13.39 10.77
C PRO B 29 -12.00 12.12 10.92
N SER B 30 -12.41 11.06 10.22
CA SER B 30 -11.67 9.82 10.15
C SER B 30 -10.79 9.80 8.91
N VAL B 31 -9.94 8.79 8.78
CA VAL B 31 -9.05 8.72 7.62
C VAL B 31 -9.85 8.56 6.33
N LYS B 32 -10.95 7.80 6.39
CA LYS B 32 -11.82 7.62 5.24
C LYS B 32 -12.40 8.98 4.79
N ASP B 33 -12.79 9.80 5.76
CA ASP B 33 -13.27 11.17 5.49
C ASP B 33 -12.23 12.04 4.78
N LEU B 34 -10.96 11.87 5.13
CA LEU B 34 -9.89 12.64 4.50
C LEU B 34 -9.65 12.14 3.08
N ALA B 35 -9.57 10.81 2.92
CA ALA B 35 -9.26 10.23 1.64
C ALA B 35 -10.33 10.57 0.60
N THR B 36 -11.58 10.66 1.05
CA THR B 36 -12.66 10.99 0.13
C THR B 36 -12.69 12.48 -0.18
N SER B 37 -12.34 13.30 0.81
CA SER B 37 -12.30 14.74 0.60
C SER B 37 -11.23 15.09 -0.43
N LEU B 38 -10.06 14.44 -0.30
CA LEU B 38 -8.95 14.68 -1.23
C LEU B 38 -9.37 14.34 -2.64
N LYS B 39 -10.06 13.21 -2.77
CA LYS B 39 -10.43 12.69 -4.07
C LYS B 39 -11.63 13.48 -4.65
N GLN B 40 -11.95 14.60 -4.02
CA GLN B 40 -13.03 15.49 -4.46
C GLN B 40 -12.53 16.80 -5.09
N ILE B 41 -11.31 17.17 -4.77
CA ILE B 41 -10.67 18.36 -5.36
C ILE B 41 -10.53 18.31 -6.89
N PRO B 42 -11.25 19.18 -7.60
CA PRO B 42 -11.17 19.13 -9.07
C PRO B 42 -9.77 19.50 -9.54
N ASN B 43 -9.27 18.79 -10.55
CA ASN B 43 -7.89 18.94 -11.05
CA ASN B 43 -7.90 18.95 -11.06
C ASN B 43 -6.93 19.50 -10.01
N ALA B 44 -6.73 18.72 -8.94
CA ALA B 44 -5.87 19.10 -7.82
C ALA B 44 -4.47 19.47 -8.28
N ALA B 45 -3.85 18.63 -9.11
CA ALA B 45 -2.47 18.86 -9.51
C ALA B 45 -2.29 20.27 -10.09
N LYS B 46 -3.15 20.65 -11.01
CA LYS B 46 -3.08 21.99 -11.62
C LYS B 46 -3.30 23.10 -10.58
N LEU B 47 -4.27 22.92 -9.71
CA LEU B 47 -4.62 23.92 -8.71
C LEU B 47 -3.52 24.12 -7.66
N SER B 48 -2.66 23.13 -7.52
CA SER B 48 -1.63 23.12 -6.49
C SER B 48 -0.33 23.70 -7.00
N GLN B 49 -0.23 23.84 -8.31
CA GLN B 49 1.04 24.17 -8.94
C GLN B 49 1.74 25.40 -8.35
N PRO B 50 0.97 26.43 -7.94
CA PRO B 50 1.74 27.55 -7.39
C PRO B 50 1.87 27.52 -5.88
N TYR B 51 1.59 26.39 -5.25
CA TYR B 51 1.72 26.30 -3.81
C TYR B 51 2.87 25.35 -3.46
N ILE B 52 3.57 24.92 -4.50
CA ILE B 52 4.69 23.99 -4.40
C ILE B 52 5.99 24.76 -4.12
N LYS B 53 6.68 24.41 -3.04
CA LYS B 53 7.93 25.10 -2.65
C LYS B 53 9.18 24.21 -2.73
N GLU B 54 10.33 24.83 -2.91
CA GLU B 54 11.58 24.07 -2.93
C GLU B 54 11.94 23.74 -1.49
N PRO B 55 12.74 22.68 -1.29
CA PRO B 55 13.13 22.29 0.06
C PRO B 55 13.77 23.46 0.80
N ASP B 56 13.27 23.74 2.00
CA ASP B 56 13.84 24.81 2.80
C ASP B 56 14.50 24.27 4.04
N GLN B 57 13.68 24.15 5.09
CA GLN B 57 14.10 23.64 6.37
C GLN B 57 14.23 22.13 6.36
N TYR B 58 13.60 21.49 5.37
CA TYR B 58 13.67 20.03 5.25
C TYR B 58 14.39 19.61 3.96
N ALA B 59 14.53 18.31 3.77
CA ALA B 59 15.15 17.79 2.55
C ALA B 59 14.13 17.87 1.44
N TYR B 60 12.86 18.01 1.84
CA TYR B 60 11.77 18.10 0.89
C TYR B 60 11.05 19.44 1.06
N GLY B 61 10.51 19.96 -0.03
CA GLY B 61 9.77 21.22 0.00
C GLY B 61 8.45 21.01 0.71
N ARG B 62 8.13 21.94 1.60
CA ARG B 62 6.98 21.78 2.47
C ARG B 62 6.27 23.11 2.57
N ASN B 63 4.96 23.09 2.40
CA ASN B 63 4.22 24.35 2.43
C ASN B 63 2.75 24.17 2.77
N ALA B 64 2.38 24.76 3.90
CA ALA B 64 1.02 24.77 4.36
C ALA B 64 0.21 25.71 3.49
N ILE B 65 -1.02 25.32 3.19
CA ILE B 65 -1.90 26.17 2.41
C ILE B 65 -3.25 26.37 3.10
N TYR B 66 -3.54 25.55 4.11
CA TYR B 66 -4.78 25.75 4.85
C TYR B 66 -4.71 25.18 6.25
N ARG B 67 -5.27 25.93 7.21
CA ARG B 67 -5.38 25.46 8.59
C ARG B 67 -6.51 26.12 9.38
N ASN B 68 -7.35 25.27 9.96
CA ASN B 68 -8.30 25.70 10.95
C ASN B 68 -8.06 24.95 12.25
N ASN B 69 -9.07 24.87 13.09
CA ASN B 69 -8.86 24.24 14.38
C ASN B 69 -9.04 22.73 14.30
N GLU B 70 -9.48 22.25 13.15
CA GLU B 70 -9.65 20.82 13.00
C GLU B 70 -8.52 20.18 12.18
N LEU B 71 -8.04 20.86 11.16
CA LEU B 71 -6.99 20.28 10.34
C LEU B 71 -6.09 21.26 9.64
N GLU B 72 -5.12 20.70 8.91
CA GLU B 72 -4.18 21.44 8.09
C GLU B 72 -3.93 20.69 6.78
N ILE B 73 -3.54 21.45 5.76
CA ILE B 73 -3.20 20.86 4.48
C ILE B 73 -1.83 21.30 3.98
N ILE B 74 -0.96 20.33 3.75
CA ILE B 74 0.39 20.64 3.30
C ILE B 74 0.62 20.20 1.86
N VAL B 75 1.30 21.02 1.09
CA VAL B 75 1.81 20.54 -0.18
C VAL B 75 3.27 20.12 0.03
N ILE B 76 3.54 18.84 -0.24
CA ILE B 76 4.86 18.25 -0.08
C ILE B 76 5.54 18.04 -1.42
N ASN B 77 6.83 18.32 -1.48
CA ASN B 77 7.64 18.16 -2.68
C ASN B 77 8.93 17.41 -2.36
N ILE B 78 8.95 16.11 -2.68
CA ILE B 78 10.15 15.32 -2.49
C ILE B 78 10.96 15.18 -3.76
N PRO B 79 12.14 15.81 -3.80
CA PRO B 79 13.07 15.68 -4.93
C PRO B 79 13.36 14.22 -5.25
N PRO B 80 13.76 13.94 -6.50
CA PRO B 80 14.28 12.63 -6.91
C PRO B 80 15.21 12.03 -5.87
N ASN B 81 14.96 10.76 -5.54
CA ASN B 81 15.84 9.95 -4.70
C ASN B 81 16.06 10.55 -3.32
N LYS B 82 15.19 11.47 -2.95
CA LYS B 82 15.17 12.00 -1.59
C LYS B 82 14.04 11.33 -0.83
N GLU B 83 13.89 11.69 0.44
CA GLU B 83 12.97 10.96 1.30
C GLU B 83 12.75 11.73 2.59
N THR B 84 11.62 11.47 3.24
CA THR B 84 11.33 12.05 4.53
C THR B 84 12.02 11.26 5.62
N THR B 85 11.49 11.39 6.83
CA THR B 85 12.03 10.70 7.97
C THR B 85 11.05 9.66 8.44
N VAL B 86 11.56 8.69 9.20
CA VAL B 86 10.73 7.70 9.86
C VAL B 86 10.05 8.35 11.06
N HIS B 87 8.76 8.64 10.90
CA HIS B 87 8.03 9.41 11.89
C HIS B 87 6.63 8.85 12.15
N ASP B 88 6.11 9.08 13.35
CA ASP B 88 4.66 9.03 13.54
C ASP B 88 4.11 10.44 13.42
N HIS B 89 2.82 10.61 13.66
CA HIS B 89 2.23 11.92 13.50
C HIS B 89 1.68 12.40 14.84
N GLY B 90 2.34 11.97 15.89
CA GLY B 90 2.00 12.37 17.24
C GLY B 90 0.61 11.92 17.59
N GLN B 91 -0.28 12.88 17.74
CA GLN B 91 -1.66 12.59 18.12
C GLN B 91 -2.57 12.85 16.96
N SER B 92 -2.00 12.93 15.76
CA SER B 92 -2.80 13.19 14.58
C SER B 92 -2.88 11.96 13.68
N ILE B 93 -3.94 11.92 12.89
CA ILE B 93 -4.03 11.03 11.74
C ILE B 93 -3.67 11.87 10.53
N GLY B 94 -3.13 11.22 9.51
CA GLY B 94 -2.82 11.92 8.29
C GLY B 94 -3.29 11.15 7.08
N CYS B 95 -3.70 11.87 6.06
CA CYS B 95 -3.96 11.23 4.78
C CYS B 95 -3.35 12.08 3.68
N ALA B 96 -2.81 11.43 2.66
CA ALA B 96 -2.12 12.14 1.60
C ALA B 96 -2.41 11.52 0.25
N MSE B 97 -2.53 12.38 -0.76
CA MSE B 97 -2.82 11.94 -2.11
C MSE B 97 -1.74 12.46 -3.08
O MSE B 97 -1.41 13.64 -3.08
CB MSE B 97 -4.21 12.41 -2.53
CG MSE B 97 -4.53 12.10 -3.98
SE MSE B 97 -6.19 12.89 -4.64
CE MSE B 97 -5.83 14.75 -4.13
N VAL B 98 -1.19 11.56 -3.89
CA VAL B 98 -0.11 11.94 -4.81
C VAL B 98 -0.62 12.78 -5.98
N LEU B 99 0.01 13.92 -6.23
CA LEU B 99 -0.43 14.80 -7.32
C LEU B 99 0.41 14.62 -8.57
N GLU B 100 1.70 14.38 -8.37
CA GLU B 100 2.66 14.27 -9.45
C GLU B 100 3.73 13.26 -9.04
N GLY B 101 4.01 12.32 -9.93
CA GLY B 101 5.05 11.33 -9.68
C GLY B 101 4.54 10.08 -8.99
N LYS B 102 5.44 9.43 -8.27
CA LYS B 102 5.15 8.19 -7.57
C LYS B 102 5.96 8.14 -6.30
N LEU B 103 5.35 7.76 -5.18
CA LEU B 103 6.11 7.60 -3.94
C LEU B 103 6.10 6.16 -3.45
N LEU B 104 7.10 5.86 -2.61
CA LEU B 104 7.20 4.61 -1.89
C LEU B 104 6.87 4.88 -0.43
N ASN B 105 5.84 4.21 0.10
CA ASN B 105 5.49 4.36 1.51
C ASN B 105 5.92 3.15 2.34
N SER B 106 6.85 3.38 3.25
CA SER B 106 7.37 2.31 4.10
C SER B 106 6.74 2.40 5.48
N ILE B 107 6.25 1.28 5.98
CA ILE B 107 5.60 1.23 7.29
C ILE B 107 6.56 0.60 8.29
N TYR B 108 6.68 1.18 9.49
CA TYR B 108 7.56 0.62 10.52
C TYR B 108 6.82 0.25 11.79
N ARG B 109 7.37 -0.76 12.47
CA ARG B 109 7.01 -1.10 13.85
C ARG B 109 8.13 -0.60 14.77
N SER B 110 7.78 0.09 15.86
CA SER B 110 8.76 0.63 16.80
C SER B 110 9.25 -0.42 17.78
N THR B 111 10.49 -0.25 18.24
CA THR B 111 11.10 -1.10 19.25
C THR B 111 11.75 -0.27 20.35
N GLY B 112 11.16 0.89 20.64
CA GLY B 112 11.74 1.86 21.54
C GLY B 112 12.26 3.08 20.79
N GLU B 113 13.55 3.35 20.89
CA GLU B 113 14.21 4.42 20.14
C GLU B 113 14.88 3.85 18.89
N HIS B 114 14.11 3.11 18.10
CA HIS B 114 14.61 2.38 16.93
C HIS B 114 13.39 1.75 16.24
N ALA B 115 13.41 1.69 14.91
CA ALA B 115 12.21 1.23 14.17
C ALA B 115 12.45 0.02 13.26
N GLU B 116 11.44 -0.84 13.17
CA GLU B 116 11.49 -2.06 12.35
C GLU B 116 10.51 -1.97 11.17
N LEU B 117 11.06 -2.04 9.96
CA LEU B 117 10.29 -2.03 8.72
C LEU B 117 9.39 -3.25 8.55
N SER B 118 8.08 -3.05 8.47
CA SER B 118 7.14 -4.16 8.46
C SER B 118 6.31 -4.25 7.17
N ASN B 119 6.44 -3.25 6.30
CA ASN B 119 5.65 -3.20 5.07
C ASN B 119 6.05 -2.03 4.18
N SER B 120 5.93 -2.21 2.86
CA SER B 120 6.16 -1.12 1.90
C SER B 120 5.32 -1.32 0.64
N TYR B 121 4.96 -0.19 0.02
CA TYR B 121 4.12 -0.20 -1.16
C TYR B 121 4.19 1.15 -1.89
N PHE B 122 3.74 1.20 -3.13
CA PHE B 122 3.81 2.44 -3.88
C PHE B 122 2.47 3.15 -3.94
N VAL B 123 2.52 4.47 -4.00
CA VAL B 123 1.32 5.24 -4.24
C VAL B 123 1.51 6.03 -5.54
N HIS B 124 0.57 5.89 -6.46
CA HIS B 124 0.68 6.56 -7.75
C HIS B 124 -0.19 7.80 -7.79
N GLU B 125 -0.12 8.52 -8.91
CA GLU B 125 -0.91 9.74 -9.03
C GLU B 125 -2.38 9.49 -8.71
N GLY B 126 -2.96 10.35 -7.88
CA GLY B 126 -4.37 10.31 -7.61
C GLY B 126 -4.79 9.31 -6.57
N GLU B 127 -3.84 8.48 -6.15
CA GLU B 127 -4.09 7.53 -5.08
C GLU B 127 -3.77 8.18 -3.73
N CYS B 128 -4.41 7.69 -2.67
CA CYS B 128 -4.18 8.26 -1.35
C CYS B 128 -3.44 7.27 -0.47
N LEU B 129 -2.63 7.81 0.45
CA LEU B 129 -2.11 6.99 1.53
C LEU B 129 -2.70 7.41 2.86
N ILE B 130 -2.78 6.44 3.76
CA ILE B 130 -3.39 6.61 5.07
C ILE B 130 -2.37 6.45 6.18
N SER B 131 -2.36 7.39 7.11
CA SER B 131 -1.57 7.26 8.32
C SER B 131 -2.50 7.28 9.51
N THR B 132 -2.85 6.10 10.00
CA THR B 132 -3.62 6.02 11.22
C THR B 132 -2.79 6.59 12.38
N LYS B 133 -3.45 6.95 13.48
CA LYS B 133 -2.76 7.63 14.56
C LYS B 133 -1.70 6.73 15.17
N GLY B 134 -0.47 7.22 15.22
CA GLY B 134 0.62 6.46 15.79
C GLY B 134 1.22 5.46 14.82
N LEU B 135 0.72 5.47 13.59
CA LEU B 135 1.33 4.66 12.56
C LEU B 135 2.64 5.34 12.16
N ILE B 136 3.70 4.54 12.06
CA ILE B 136 5.02 5.04 11.71
C ILE B 136 5.31 4.78 10.25
N HIS B 137 5.66 5.82 9.50
CA HIS B 137 5.97 5.66 8.09
C HIS B 137 7.10 6.57 7.62
N LYS B 138 7.74 6.15 6.52
CA LYS B 138 8.68 7.00 5.80
C LYS B 138 8.22 7.12 4.37
N MSE B 139 8.39 8.30 3.78
CA MSE B 139 8.08 8.46 2.37
C MSE B 139 9.33 8.77 1.58
O MSE B 139 10.11 9.66 1.94
CB MSE B 139 7.06 9.57 2.16
CG MSE B 139 5.66 9.19 2.58
SE MSE B 139 4.46 10.71 2.42
CE MSE B 139 5.52 11.74 1.17
N SER B 140 9.53 8.03 0.50
CA SER B 140 10.70 8.22 -0.33
C SER B 140 10.31 8.36 -1.80
N ASN B 141 11.19 8.98 -2.56
CA ASN B 141 10.97 9.16 -3.98
C ASN B 141 12.01 8.37 -4.74
N PRO B 142 11.69 7.10 -5.05
CA PRO B 142 12.65 6.21 -5.71
C PRO B 142 12.84 6.49 -7.19
N THR B 143 12.27 7.61 -7.65
CA THR B 143 12.27 7.93 -9.07
C THR B 143 13.19 9.09 -9.42
N SER B 144 13.37 9.33 -10.71
CA SER B 144 14.22 10.40 -11.18
C SER B 144 13.45 11.71 -11.34
N GLU B 145 12.13 11.64 -11.20
CA GLU B 145 11.27 12.81 -11.27
C GLU B 145 10.93 13.29 -9.88
N ARG B 146 10.62 14.58 -9.72
CA ARG B 146 10.15 15.06 -8.43
C ARG B 146 8.77 14.47 -8.13
N MSE B 147 8.38 14.50 -6.86
CA MSE B 147 7.09 13.97 -6.46
C MSE B 147 6.33 14.98 -5.59
O MSE B 147 6.79 15.36 -4.51
CB MSE B 147 7.28 12.63 -5.71
CG MSE B 147 5.97 11.84 -5.50
SE MSE B 147 4.74 12.44 -4.05
CE MSE B 147 6.05 12.68 -2.60
N VAL B 148 5.17 15.42 -6.07
CA VAL B 148 4.34 16.36 -5.33
C VAL B 148 3.10 15.71 -4.72
N SER B 149 2.88 15.93 -3.43
CA SER B 149 1.75 15.32 -2.75
C SER B 149 1.01 16.31 -1.88
N LEU B 150 -0.23 15.97 -1.58
CA LEU B 150 -1.15 16.82 -0.84
C LEU B 150 -1.55 16.14 0.45
N HIS B 151 -1.15 16.71 1.57
CA HIS B 151 -1.35 16.04 2.86
C HIS B 151 -2.38 16.75 3.72
N VAL B 152 -3.18 15.95 4.42
CA VAL B 152 -4.13 16.49 5.37
C VAL B 152 -3.89 15.87 6.72
N TYR B 153 -3.59 16.71 7.69
CA TYR B 153 -3.33 16.22 9.02
C TYR B 153 -4.42 16.70 9.97
N SER B 154 -4.99 15.79 10.74
CA SER B 154 -6.01 16.13 11.72
C SER B 154 -5.80 15.38 13.04
N PRO B 155 -5.57 16.11 14.12
CA PRO B 155 -5.47 17.58 14.18
C PRO B 155 -4.17 18.04 13.52
N PRO B 156 -3.99 19.36 13.38
CA PRO B 156 -2.71 19.86 12.89
C PRO B 156 -1.54 19.33 13.73
N LEU B 157 -0.40 19.12 13.07
CA LEU B 157 0.72 18.43 13.67
C LEU B 157 1.39 19.22 14.78
N GLU B 158 1.68 18.52 15.87
CA GLU B 158 2.56 19.07 16.89
C GLU B 158 3.94 18.45 16.71
N ASP B 159 4.24 17.51 17.60
CA ASP B 159 5.52 16.83 17.64
C ASP B 159 5.50 15.48 16.92
N MSE B 160 5.80 15.48 15.62
CA MSE B 160 6.22 14.27 14.93
C MSE B 160 7.30 13.56 15.76
O MSE B 160 8.37 14.15 16.00
CB MSE B 160 6.77 14.59 13.52
CG MSE B 160 5.74 14.92 12.44
SE MSE B 160 6.43 14.84 10.57
CE MSE B 160 7.38 16.53 10.42
N THR B 161 7.04 12.34 16.20
CA THR B 161 8.04 11.56 16.92
C THR B 161 8.89 10.76 15.94
N VAL B 162 10.21 10.80 16.09
CA VAL B 162 11.11 10.31 15.05
C VAL B 162 12.01 9.16 15.50
N PHE B 163 12.22 8.21 14.59
CA PHE B 163 12.83 6.92 14.91
C PHE B 163 14.15 6.67 14.17
N GLU B 164 14.90 5.68 14.66
CA GLU B 164 16.20 5.25 14.12
C GLU B 164 17.30 6.23 14.51
FE FE C . -3.68 -13.74 1.27
N CYS D . -4.48 -16.50 -0.01
CA CYS D . -5.76 -16.50 -0.68
C CYS D . -5.90 -17.76 -1.54
O CYS D . -6.99 -18.18 -1.90
CB CYS D . -5.92 -15.23 -1.55
SG CYS D . -5.26 -13.67 -0.82
OXT CYS D . -4.91 -18.40 -1.90
FE FE E . 3.97 11.79 7.38
N CYS F . 5.28 13.55 7.74
CA CYS F . 5.81 14.33 6.63
C CYS F . 5.30 15.77 6.71
O CYS F . 6.07 16.72 6.77
CB CYS F . 5.40 13.69 5.30
SG CYS F . 4.84 11.99 5.48
OXT CYS F . 4.10 16.01 6.70
#